data_7V16
#
_entry.id   7V16
#
_cell.length_a   59.230
_cell.length_b   59.880
_cell.length_c   67.000
_cell.angle_alpha   90.000
_cell.angle_beta   90.000
_cell.angle_gamma   90.000
#
_symmetry.space_group_name_H-M   'P 21 21 21'
#
loop_
_entity.id
_entity.type
_entity.pdbx_description
1 polymer 'Coagulation factor XIa light chain'
2 non-polymer 'CITRIC ACID'
3 non-polymer 5-[3-chloranyl-2-fluoranyl-6-(1,2,3,4-tetrazol-1-yl)phenyl]-2-[(1~{R})-2-cyclopropyl-1-[4-(2-methylpyrazol-3-yl)pyrazol-1-yl]ethyl]-1-oxidanyl-pyridine
4 water water
#
_entity_poly.entity_id   1
_entity_poly.type   'polypeptide(L)'
_entity_poly.pdbx_seq_one_letter_code
;IVGGTASVRGEWPWQVTLHTTSPTQRHLCGGSIIGNQWILTAAHCFYGVESPKILRVYSGILNQSEIKEDTSFFGVQEII
IHDQYKMAESGYDIALLKLETTVNYTDSQRPISLPSKGDRNVIYTDCWVTGWGYRKLRDKIQNTLQKAKIPLVTNEECQK
RYRGHKITHKMICAGYREGGKDACKGDSGGPLSCKHNEVWHLVGITSWGEGCAQRERPGVYTNVVEYVDWILEKTQAV
;
_entity_poly.pdbx_strand_id   A
#
loop_
_chem_comp.id
_chem_comp.type
_chem_comp.name
_chem_comp.formula
CIT non-polymer 'CITRIC ACID' 'C6 H8 O7'
OT7 non-polymer 5-[3-chloranyl-2-fluoranyl-6-(1,2,3,4-tetrazol-1-yl)phenyl]-2-[(1~{R})-2-cyclopropyl-1-[4-(2-methylpyrazol-3-yl)pyrazol-1-yl]ethyl]-1-oxidanyl-pyridine 'C24 H21 Cl F N9 O'
#
# COMPACT_ATOMS: atom_id res chain seq x y z
N ILE A 1 -2.82 -9.92 -4.87
CA ILE A 1 -2.20 -10.75 -3.85
C ILE A 1 -2.11 -12.22 -4.29
N VAL A 2 -0.89 -12.77 -4.29
CA VAL A 2 -0.66 -14.17 -4.59
C VAL A 2 -0.77 -14.96 -3.29
N GLY A 3 -1.43 -16.11 -3.36
CA GLY A 3 -1.48 -17.00 -2.21
C GLY A 3 -2.32 -16.49 -1.06
N GLY A 4 -3.19 -15.50 -1.31
CA GLY A 4 -3.98 -14.90 -0.28
C GLY A 4 -5.38 -15.50 -0.20
N THR A 5 -6.17 -14.92 0.70
CA THR A 5 -7.55 -15.34 0.91
C THR A 5 -8.43 -14.11 0.98
N ALA A 6 -9.73 -14.33 0.78
CA ALA A 6 -10.68 -13.22 0.73
C ALA A 6 -10.83 -12.58 2.10
N SER A 7 -10.85 -11.26 2.12
CA SER A 7 -11.18 -10.53 3.34
C SER A 7 -12.70 -10.49 3.52
N VAL A 8 -13.11 -10.05 4.71
CA VAL A 8 -14.52 -9.83 4.99
C VAL A 8 -14.73 -8.34 5.24
N ARG A 9 -16.00 -7.94 5.21
CA ARG A 9 -16.33 -6.53 5.36
C ARG A 9 -15.85 -5.98 6.69
N GLY A 10 -15.24 -4.81 6.64
CA GLY A 10 -14.71 -4.17 7.83
C GLY A 10 -13.38 -4.70 8.33
N GLU A 11 -12.80 -5.69 7.65
CA GLU A 11 -11.59 -6.33 8.17
C GLU A 11 -10.38 -5.42 8.07
N TRP A 12 -10.26 -4.64 7.00
CA TRP A 12 -9.10 -3.78 6.76
C TRP A 12 -9.57 -2.36 6.49
N PRO A 13 -10.10 -1.67 7.50
CA PRO A 13 -10.87 -0.44 7.22
C PRO A 13 -10.02 0.76 6.83
N TRP A 14 -8.68 0.68 6.93
CA TRP A 14 -7.83 1.74 6.39
C TRP A 14 -7.50 1.55 4.91
N GLN A 15 -7.85 0.40 4.32
CA GLN A 15 -7.54 0.13 2.92
C GLN A 15 -8.51 0.88 2.03
N VAL A 16 -7.97 1.60 1.06
CA VAL A 16 -8.79 2.25 0.05
C VAL A 16 -8.39 1.72 -1.32
N THR A 17 -9.30 1.90 -2.28
CA THR A 17 -8.99 1.65 -3.68
C THR A 17 -9.01 2.98 -4.41
N LEU A 18 -7.86 3.31 -5.01
CA LEU A 18 -7.70 4.53 -5.80
C LEU A 18 -8.04 4.19 -7.24
N HIS A 19 -9.03 4.88 -7.80
CA HIS A 19 -9.41 4.68 -9.20
C HIS A 19 -8.90 5.82 -10.06
N THR A 20 -8.52 5.48 -11.28
CA THR A 20 -8.40 6.48 -12.33
C THR A 20 -9.66 6.42 -13.19
N THR A 21 -9.95 7.54 -13.86
CA THR A 21 -11.11 7.60 -14.74
C THR A 21 -10.72 7.98 -16.16
N SER A 22 -9.46 7.77 -16.52
CA SER A 22 -9.00 8.14 -17.85
C SER A 22 -8.09 7.06 -18.44
N PRO A 23 -8.43 6.53 -19.62
CA PRO A 23 -9.58 6.84 -20.46
C PRO A 23 -10.84 6.11 -20.02
N THR A 24 -10.70 5.21 -19.06
CA THR A 24 -11.82 4.47 -18.51
C THR A 24 -11.63 4.34 -17.01
N GLN A 25 -12.72 4.08 -16.29
CA GLN A 25 -12.62 3.94 -14.85
C GLN A 25 -12.13 2.54 -14.48
N ARG A 26 -11.12 2.50 -13.63
CA ARG A 26 -10.56 1.23 -13.17
C ARG A 26 -9.74 1.48 -11.91
N HIS A 27 -9.60 0.43 -11.12
CA HIS A 27 -8.71 0.44 -9.98
C HIS A 27 -7.27 0.67 -10.46
N LEU A 28 -6.61 1.65 -9.85
CA LEU A 28 -5.22 1.97 -10.16
C LEU A 28 -4.25 1.48 -9.10
N CYS A 29 -4.56 1.69 -7.83
CA CYS A 29 -3.61 1.41 -6.75
C CYS A 29 -4.37 1.24 -5.46
N GLY A 30 -3.71 0.59 -4.49
CA GLY A 30 -4.16 0.64 -3.12
C GLY A 30 -3.70 1.92 -2.42
N GLY A 31 -4.22 2.13 -1.22
CA GLY A 31 -3.73 3.19 -0.34
C GLY A 31 -4.27 2.96 1.05
N SER A 32 -3.80 3.80 1.98
CA SER A 32 -4.15 3.67 3.39
C SER A 32 -4.63 5.00 3.96
N ILE A 33 -5.74 4.96 4.68
CA ILE A 33 -6.20 6.13 5.43
C ILE A 33 -5.26 6.35 6.61
N ILE A 34 -4.62 7.52 6.67
CA ILE A 34 -3.80 7.88 7.82
C ILE A 34 -4.28 9.16 8.52
N GLY A 35 -5.29 9.84 7.97
CA GLY A 35 -5.88 11.00 8.61
C GLY A 35 -7.21 11.24 7.95
N ASN A 36 -8.00 12.16 8.52
CA ASN A 36 -9.35 12.34 7.99
C ASN A 36 -9.34 12.88 6.57
N GLN A 37 -8.27 13.52 6.15
CA GLN A 37 -8.15 14.07 4.81
CA GLN A 37 -8.19 14.01 4.77
C GLN A 37 -6.95 13.51 4.05
N TRP A 38 -6.35 12.41 4.53
CA TRP A 38 -5.04 11.98 4.04
C TRP A 38 -4.97 10.49 3.74
N ILE A 39 -4.55 10.18 2.52
CA ILE A 39 -4.25 8.82 2.08
C ILE A 39 -2.74 8.71 1.84
N LEU A 40 -2.11 7.66 2.35
CA LEU A 40 -0.72 7.36 2.04
C LEU A 40 -0.69 6.25 1.00
N THR A 41 0.07 6.45 -0.08
CA THR A 41 0.13 5.49 -1.18
C THR A 41 1.52 5.56 -1.79
N ALA A 42 1.68 4.96 -2.97
CA ALA A 42 2.97 4.91 -3.66
C ALA A 42 3.06 5.96 -4.76
N ALA A 43 4.21 6.60 -4.85
CA ALA A 43 4.41 7.62 -5.89
C ALA A 43 4.30 7.04 -7.30
N HIS A 44 4.75 5.80 -7.49
CA HIS A 44 4.73 5.16 -8.80
C HIS A 44 3.34 5.09 -9.38
N CYS A 45 2.31 5.08 -8.53
CA CYS A 45 0.92 5.04 -9.00
C CYS A 45 0.56 6.15 -9.95
N PHE A 46 1.27 7.28 -9.90
CA PHE A 46 0.83 8.44 -10.65
C PHE A 46 1.59 8.62 -11.95
N TYR A 47 2.35 7.60 -12.35
CA TYR A 47 2.91 7.58 -13.68
C TYR A 47 1.80 7.74 -14.73
N GLY A 48 1.89 8.78 -15.54
CA GLY A 48 0.89 8.96 -16.56
C GLY A 48 -0.45 9.49 -16.08
N VAL A 49 -0.59 9.82 -14.81
CA VAL A 49 -1.76 10.52 -14.31
C VAL A 49 -1.60 12.01 -14.61
N GLU A 50 -2.49 12.56 -15.43
CA GLU A 50 -2.28 13.92 -15.92
C GLU A 50 -2.53 14.95 -14.82
N SER A 51 -3.44 14.66 -13.91
CA SER A 51 -3.71 15.59 -12.82
C SER A 51 -4.58 14.88 -11.80
N PRO A 52 -4.79 15.46 -10.61
CA PRO A 52 -5.69 14.82 -9.65
C PRO A 52 -7.14 14.79 -10.09
N LYS A 53 -7.50 15.54 -11.13
CA LYS A 53 -8.90 15.64 -11.56
C LYS A 53 -9.48 14.28 -11.90
N ILE A 54 -8.65 13.36 -12.41
CA ILE A 54 -9.18 12.08 -12.89
C ILE A 54 -9.19 11.00 -11.83
N LEU A 55 -8.78 11.30 -10.61
CA LEU A 55 -8.71 10.30 -9.56
C LEU A 55 -9.99 10.27 -8.75
N ARG A 56 -10.29 9.10 -8.20
CA ARG A 56 -11.37 8.91 -7.24
C ARG A 56 -10.85 8.00 -6.14
N VAL A 57 -11.08 8.38 -4.89
CA VAL A 57 -10.72 7.53 -3.75
C VAL A 57 -12.00 6.91 -3.20
N TYR A 58 -12.06 5.58 -3.19
CA TYR A 58 -13.18 4.86 -2.58
C TYR A 58 -12.74 4.21 -1.28
N SER A 59 -13.48 4.45 -0.22
CA SER A 59 -13.24 3.79 1.06
C SER A 59 -14.42 2.92 1.44
N GLY A 60 -14.17 2.02 2.38
CA GLY A 60 -15.20 1.12 2.85
C GLY A 60 -15.63 0.08 1.84
N ILE A 61 -14.76 -0.23 0.88
CA ILE A 61 -15.06 -1.14 -0.22
C ILE A 61 -14.49 -2.50 0.10
N LEU A 62 -15.32 -3.54 0.01
CA LEU A 62 -14.83 -4.90 0.01
C LEU A 62 -14.69 -5.45 -1.41
N ASN A 63 -15.75 -5.39 -2.21
CA ASN A 63 -15.75 -5.89 -3.57
C ASN A 63 -15.75 -4.71 -4.54
N GLN A 64 -14.88 -4.77 -5.54
CA GLN A 64 -14.87 -3.74 -6.57
C GLN A 64 -16.24 -3.57 -7.23
N SER A 65 -17.02 -4.65 -7.32
CA SER A 65 -18.32 -4.59 -7.96
C SER A 65 -19.34 -3.77 -7.16
N GLU A 66 -19.02 -3.40 -5.91
CA GLU A 66 -19.85 -2.47 -5.16
C GLU A 66 -19.84 -1.07 -5.74
N ILE A 67 -18.86 -0.75 -6.58
CA ILE A 67 -18.68 0.61 -7.08
C ILE A 67 -19.50 0.77 -8.35
N LYS A 68 -20.54 1.60 -8.28
CA LYS A 68 -21.41 1.95 -9.40
C LYS A 68 -21.42 3.46 -9.56
N GLU A 69 -22.24 3.93 -10.51
CA GLU A 69 -22.17 5.35 -10.88
C GLU A 69 -22.65 6.28 -9.78
N ASP A 70 -23.40 5.77 -8.80
CA ASP A 70 -23.85 6.57 -7.66
C ASP A 70 -23.06 6.27 -6.38
N THR A 71 -21.99 5.50 -6.45
CA THR A 71 -21.19 5.24 -5.25
C THR A 71 -20.41 6.49 -4.88
N SER A 72 -20.51 6.88 -3.61
N SER A 72 -20.51 6.88 -3.62
CA SER A 72 -19.79 8.05 -3.15
CA SER A 72 -19.78 8.04 -3.15
C SER A 72 -18.28 7.81 -3.15
C SER A 72 -18.27 7.79 -3.18
N PHE A 73 -17.52 8.83 -3.50
CA PHE A 73 -16.07 8.76 -3.50
C PHE A 73 -15.54 10.11 -3.05
N PHE A 74 -14.26 10.13 -2.69
CA PHE A 74 -13.58 11.36 -2.30
C PHE A 74 -12.80 11.88 -3.51
N GLY A 75 -12.97 13.15 -3.82
CA GLY A 75 -12.08 13.79 -4.77
C GLY A 75 -10.72 14.00 -4.16
N VAL A 76 -9.72 14.10 -5.03
CA VAL A 76 -8.33 14.32 -4.61
C VAL A 76 -8.01 15.79 -4.87
N GLN A 77 -7.68 16.51 -3.81
CA GLN A 77 -7.33 17.91 -3.94
C GLN A 77 -5.87 18.09 -4.33
N GLU A 78 -4.98 17.20 -3.89
CA GLU A 78 -3.55 17.35 -4.16
C GLU A 78 -2.89 15.99 -4.11
N ILE A 79 -1.93 15.78 -5.01
CA ILE A 79 -1.02 14.63 -4.94
C ILE A 79 0.34 15.17 -4.53
N ILE A 80 0.87 14.66 -3.41
CA ILE A 80 2.17 15.11 -2.91
C ILE A 80 3.11 13.93 -3.05
N ILE A 81 4.00 13.99 -4.03
CA ILE A 81 4.99 12.96 -4.25
C ILE A 81 6.30 13.40 -3.64
N HIS A 82 7.01 12.46 -3.02
CA HIS A 82 8.30 12.79 -2.45
C HIS A 82 9.20 13.42 -3.51
N ASP A 83 9.87 14.53 -3.14
CA ASP A 83 10.64 15.28 -4.12
C ASP A 83 11.82 14.51 -4.71
N GLN A 84 12.24 13.42 -4.08
CA GLN A 84 13.35 12.64 -4.59
C GLN A 84 12.92 11.42 -5.38
N TYR A 85 11.61 11.16 -5.49
CA TYR A 85 11.14 10.01 -6.24
C TYR A 85 11.50 10.12 -7.73
N LYS A 86 12.10 9.05 -8.25
CA LYS A 86 12.36 8.86 -9.68
C LYS A 86 11.74 7.58 -10.21
N MET A 87 11.93 6.45 -9.53
CA MET A 87 11.29 5.20 -9.94
C MET A 87 11.22 4.28 -8.73
N ALA A 88 10.25 3.37 -8.75
CA ALA A 88 9.95 2.61 -7.54
C ALA A 88 11.19 1.90 -7.01
N GLU A 89 11.96 1.27 -7.90
CA GLU A 89 13.08 0.44 -7.45
C GLU A 89 14.20 1.25 -6.83
N SER A 90 14.26 2.55 -7.07
CA SER A 90 15.30 3.38 -6.48
C SER A 90 14.83 4.11 -5.23
N GLY A 91 13.63 3.81 -4.76
CA GLY A 91 13.19 4.30 -3.47
C GLY A 91 12.36 5.57 -3.56
N TYR A 92 12.08 6.14 -2.39
CA TYR A 92 11.23 7.32 -2.22
C TYR A 92 9.85 7.10 -2.83
N ASP A 93 9.39 5.86 -2.87
CA ASP A 93 8.13 5.51 -3.51
C ASP A 93 7.01 5.76 -2.50
N ILE A 94 6.67 7.05 -2.34
CA ILE A 94 5.72 7.45 -1.32
C ILE A 94 5.02 8.72 -1.79
N ALA A 95 3.72 8.75 -1.57
CA ALA A 95 2.92 9.89 -1.96
C ALA A 95 1.78 10.04 -0.97
N LEU A 96 1.39 11.28 -0.73
CA LEU A 96 0.18 11.60 0.02
C LEU A 96 -0.88 12.09 -0.95
N LEU A 97 -2.11 11.65 -0.73
CA LEU A 97 -3.27 12.26 -1.35
C LEU A 97 -3.99 13.08 -0.29
N LYS A 98 -4.13 14.38 -0.54
CA LYS A 98 -5.01 15.23 0.27
C LYS A 98 -6.40 15.18 -0.36
N LEU A 99 -7.37 14.73 0.41
CA LEU A 99 -8.75 14.62 -0.07
C LEU A 99 -9.43 15.99 -0.05
N GLU A 100 -10.48 16.11 -0.86
CA GLU A 100 -11.19 17.38 -0.94
C GLU A 100 -12.06 17.62 0.28
N THR A 101 -12.39 16.58 1.03
CA THR A 101 -13.14 16.72 2.26
C THR A 101 -12.63 15.70 3.26
N THR A 102 -13.15 15.75 4.47
CA THR A 102 -12.68 14.88 5.53
C THR A 102 -13.48 13.59 5.58
N VAL A 103 -12.78 12.48 5.74
CA VAL A 103 -13.42 11.21 6.03
C VAL A 103 -14.00 11.28 7.44
N ASN A 104 -15.29 11.00 7.57
CA ASN A 104 -15.80 10.71 8.91
C ASN A 104 -15.60 9.22 9.15
N TYR A 105 -14.86 8.90 10.22
CA TYR A 105 -14.49 7.51 10.44
C TYR A 105 -15.71 6.70 10.89
N THR A 106 -15.83 5.50 10.34
CA THR A 106 -16.89 4.55 10.67
C THR A 106 -16.24 3.17 10.80
N ASP A 107 -17.07 2.17 11.12
CA ASP A 107 -16.54 0.81 11.19
C ASP A 107 -15.88 0.38 9.89
N SER A 108 -16.28 0.98 8.76
CA SER A 108 -15.74 0.56 7.48
C SER A 108 -14.60 1.42 6.96
N GLN A 109 -14.35 2.57 7.58
CA GLN A 109 -13.28 3.47 7.13
C GLN A 109 -12.63 4.07 8.37
N ARG A 110 -11.42 3.60 8.67
CA ARG A 110 -10.71 3.88 9.91
C ARG A 110 -9.27 4.22 9.57
N PRO A 111 -8.61 5.02 10.38
CA PRO A 111 -7.19 5.31 10.14
C PRO A 111 -6.33 4.18 10.67
N ILE A 112 -5.15 4.03 10.06
CA ILE A 112 -4.09 3.21 10.64
C ILE A 112 -2.98 4.13 11.15
N SER A 113 -2.45 3.78 12.32
CA SER A 113 -1.39 4.56 12.93
CA SER A 113 -1.38 4.56 12.94
C SER A 113 -0.08 4.39 12.18
N LEU A 114 0.74 5.44 12.16
CA LEU A 114 2.09 5.33 11.66
C LEU A 114 2.92 4.56 12.69
N PRO A 115 4.06 3.99 12.29
CA PRO A 115 4.95 3.40 13.30
C PRO A 115 5.29 4.42 14.37
N SER A 116 5.20 3.99 15.62
CA SER A 116 5.24 4.91 16.74
C SER A 116 6.66 5.31 17.08
N LYS A 117 6.82 6.56 17.49
CA LYS A 117 8.11 7.01 18.00
C LYS A 117 8.48 6.17 19.22
N GLY A 118 9.73 5.73 19.26
CA GLY A 118 10.19 4.81 20.28
C GLY A 118 10.07 3.35 19.93
N ASP A 119 9.38 3.02 18.83
CA ASP A 119 9.26 1.65 18.35
C ASP A 119 10.25 1.34 17.24
N ARG A 120 11.36 2.09 17.17
CA ARG A 120 12.30 1.95 16.06
C ARG A 120 12.88 0.54 16.00
N ASN A 121 13.07 -0.12 17.14
CA ASN A 121 13.68 -1.44 17.20
C ASN A 121 12.67 -2.52 17.56
N VAL A 122 11.41 -2.33 17.19
CA VAL A 122 10.40 -3.37 17.35
C VAL A 122 10.56 -4.39 16.24
N ILE A 123 10.49 -5.67 16.60
CA ILE A 123 10.50 -6.76 15.63
C ILE A 123 9.04 -7.11 15.34
N TYR A 124 8.57 -6.78 14.14
CA TYR A 124 7.18 -7.05 13.77
C TYR A 124 7.06 -8.47 13.26
N THR A 125 6.21 -9.27 13.91
CA THR A 125 6.02 -10.67 13.53
C THR A 125 4.61 -10.97 13.02
N ASP A 126 3.74 -9.97 12.88
CA ASP A 126 2.36 -10.19 12.50
C ASP A 126 1.98 -9.17 11.44
N CYS A 127 2.50 -9.37 10.23
CA CYS A 127 2.40 -8.40 9.15
C CYS A 127 1.59 -8.97 7.99
N TRP A 128 0.76 -8.13 7.37
CA TRP A 128 -0.21 -8.56 6.38
C TRP A 128 -0.17 -7.61 5.21
N VAL A 129 -0.24 -8.16 4.00
CA VAL A 129 -0.35 -7.35 2.79
C VAL A 129 -1.75 -7.60 2.21
N THR A 130 -2.37 -6.52 1.73
CA THR A 130 -3.76 -6.58 1.32
C THR A 130 -3.93 -5.85 0.00
N GLY A 131 -4.89 -6.28 -0.80
CA GLY A 131 -5.19 -5.55 -2.03
C GLY A 131 -6.05 -6.34 -2.98
N TRP A 132 -6.40 -5.66 -4.07
CA TRP A 132 -7.18 -6.22 -5.16
C TRP A 132 -6.33 -6.66 -6.34
N GLY A 133 -5.03 -6.82 -6.14
CA GLY A 133 -4.15 -7.10 -7.25
C GLY A 133 -4.26 -8.52 -7.78
N TYR A 134 -3.47 -8.78 -8.82
CA TYR A 134 -3.40 -10.08 -9.47
C TYR A 134 -3.09 -11.19 -8.45
N ARG A 135 -3.62 -12.39 -8.72
CA ARG A 135 -3.25 -13.56 -7.94
C ARG A 135 -2.06 -14.31 -8.53
N LYS A 136 -1.60 -13.88 -9.70
CA LYS A 136 -0.39 -14.39 -10.35
C LYS A 136 -0.05 -13.39 -11.46
N LEU A 137 1.14 -13.55 -12.03
CA LEU A 137 1.71 -12.49 -12.84
C LEU A 137 0.83 -12.13 -14.03
N ARG A 138 0.13 -13.10 -14.62
CA ARG A 138 -0.77 -12.86 -15.75
C ARG A 138 -2.19 -13.14 -15.28
N ASP A 139 -2.88 -12.09 -14.84
CA ASP A 139 -4.19 -12.27 -14.22
C ASP A 139 -5.09 -11.06 -14.45
N LYS A 140 -5.81 -10.65 -13.42
CA LYS A 140 -6.81 -9.59 -13.50
C LYS A 140 -6.98 -9.00 -12.12
N ILE A 141 -7.43 -7.74 -12.07
CA ILE A 141 -7.80 -7.15 -10.79
C ILE A 141 -8.91 -7.98 -10.18
N GLN A 142 -8.79 -8.27 -8.88
CA GLN A 142 -9.72 -9.15 -8.18
C GLN A 142 -10.90 -8.35 -7.66
N ASN A 143 -12.04 -9.02 -7.56
CA ASN A 143 -13.23 -8.36 -7.04
C ASN A 143 -13.12 -8.17 -5.53
N THR A 144 -12.83 -9.23 -4.80
CA THR A 144 -12.80 -9.18 -3.34
C THR A 144 -11.39 -8.90 -2.84
N LEU A 145 -11.29 -7.92 -1.95
CA LEU A 145 -10.03 -7.60 -1.29
C LEU A 145 -9.40 -8.85 -0.69
N GLN A 146 -8.13 -9.10 -1.04
CA GLN A 146 -7.40 -10.26 -0.58
C GLN A 146 -6.40 -9.86 0.51
N LYS A 147 -6.04 -10.85 1.33
CA LYS A 147 -5.07 -10.65 2.40
C LYS A 147 -4.09 -11.81 2.39
N ALA A 148 -2.86 -11.54 2.84
CA ALA A 148 -1.88 -12.59 3.03
C ALA A 148 -0.91 -12.17 4.13
N LYS A 149 -0.59 -13.12 5.02
CA LYS A 149 0.38 -12.89 6.07
C LYS A 149 1.77 -13.18 5.53
N ILE A 150 2.68 -12.24 5.68
CA ILE A 150 4.00 -12.36 5.07
CA ILE A 150 4.00 -12.36 5.07
C ILE A 150 5.08 -11.96 6.08
N PRO A 151 6.17 -12.72 6.20
CA PRO A 151 7.21 -12.39 7.19
C PRO A 151 8.15 -11.33 6.65
N LEU A 152 8.55 -10.41 7.52
CA LEU A 152 9.59 -9.45 7.17
C LEU A 152 10.93 -10.17 7.02
N VAL A 153 11.76 -9.64 6.13
CA VAL A 153 13.08 -10.15 5.83
C VAL A 153 14.07 -9.05 6.20
N THR A 154 15.26 -9.43 6.66
CA THR A 154 16.26 -8.41 6.94
C THR A 154 16.70 -7.70 5.67
N ASN A 155 17.15 -6.45 5.83
CA ASN A 155 17.63 -5.74 4.67
C ASN A 155 18.87 -6.39 4.09
N GLU A 156 19.67 -7.05 4.94
CA GLU A 156 20.83 -7.78 4.46
C GLU A 156 20.42 -8.93 3.53
N GLU A 157 19.46 -9.75 3.97
CA GLU A 157 18.98 -10.82 3.11
C GLU A 157 18.35 -10.26 1.85
N CYS A 158 17.58 -9.18 1.98
CA CYS A 158 16.91 -8.63 0.82
C CYS A 158 17.92 -8.14 -0.21
N GLN A 159 18.98 -7.48 0.24
CA GLN A 159 20.01 -7.01 -0.69
C GLN A 159 20.66 -8.18 -1.42
N LYS A 160 20.86 -9.32 -0.74
CA LYS A 160 21.47 -10.47 -1.39
C LYS A 160 20.59 -11.03 -2.50
N ARG A 161 19.27 -10.82 -2.42
CA ARG A 161 18.33 -11.31 -3.42
C ARG A 161 18.17 -10.33 -4.57
N TYR A 162 18.63 -9.10 -4.40
CA TYR A 162 18.44 -8.01 -5.36
C TYR A 162 19.76 -7.29 -5.58
N ARG A 163 20.77 -8.04 -6.03
N ARG A 163 20.76 -8.04 -6.04
CA ARG A 163 22.10 -7.47 -6.15
CA ARG A 163 22.10 -7.47 -6.15
C ARG A 163 22.19 -6.42 -7.24
C ARG A 163 22.23 -6.49 -7.31
N GLY A 164 21.20 -6.35 -8.14
CA GLY A 164 21.17 -5.31 -9.14
C GLY A 164 20.54 -4.02 -8.68
N HIS A 165 20.07 -3.97 -7.44
CA HIS A 165 19.40 -2.79 -6.92
C HIS A 165 20.06 -2.36 -5.62
N LYS A 166 19.83 -1.11 -5.24
CA LYS A 166 20.32 -0.60 -3.96
C LYS A 166 19.18 -0.70 -2.97
N ILE A 167 19.23 -1.70 -2.10
CA ILE A 167 18.25 -1.86 -1.04
C ILE A 167 18.73 -1.03 0.15
N THR A 168 18.00 0.02 0.48
CA THR A 168 18.43 0.97 1.50
C THR A 168 17.61 0.79 2.76
N HIS A 169 18.02 1.51 3.81
CA HIS A 169 17.27 1.52 5.06
C HIS A 169 15.89 2.14 4.91
N LYS A 170 15.60 2.80 3.78
CA LYS A 170 14.26 3.33 3.56
C LYS A 170 13.36 2.34 2.85
N MET A 171 13.82 1.11 2.65
CA MET A 171 13.00 0.02 2.17
C MET A 171 12.90 -1.06 3.24
N ILE A 172 11.83 -1.84 3.17
CA ILE A 172 11.68 -3.03 3.98
C ILE A 172 11.15 -4.12 3.06
N CYS A 173 11.68 -5.33 3.25
CA CYS A 173 11.33 -6.45 2.39
C CYS A 173 10.55 -7.50 3.16
N ALA A 174 9.70 -8.23 2.44
CA ALA A 174 8.86 -9.23 3.08
C ALA A 174 8.57 -10.35 2.09
N GLY A 175 8.69 -11.59 2.55
CA GLY A 175 8.45 -12.71 1.68
C GLY A 175 8.92 -14.01 2.29
N TYR A 176 8.39 -15.12 1.79
CA TYR A 176 8.81 -16.45 2.16
C TYR A 176 9.98 -16.90 1.28
N ARG A 177 10.90 -17.66 1.87
CA ARG A 177 12.04 -18.13 1.09
C ARG A 177 11.58 -18.95 -0.12
N GLU A 178 10.55 -19.78 0.05
N GLU A 178 10.55 -19.77 0.05
CA GLU A 178 10.03 -20.58 -1.05
CA GLU A 178 10.02 -20.58 -1.03
C GLU A 178 8.95 -19.86 -1.85
C GLU A 178 9.01 -19.84 -1.89
N GLY A 179 8.71 -18.58 -1.57
CA GLY A 179 7.70 -17.84 -2.30
C GLY A 179 6.30 -18.31 -1.94
N GLY A 180 5.35 -17.98 -2.81
CA GLY A 180 3.98 -18.46 -2.72
C GLY A 180 2.99 -17.42 -2.22
N LYS A 181 3.45 -16.44 -1.45
CA LYS A 181 2.60 -15.35 -0.96
C LYS A 181 3.36 -14.04 -1.15
N ASP A 182 2.69 -13.05 -1.73
CA ASP A 182 3.34 -11.80 -2.12
C ASP A 182 2.27 -10.87 -2.65
N ALA A 183 2.61 -9.59 -2.73
CA ALA A 183 1.84 -8.65 -3.53
C ALA A 183 2.08 -8.92 -5.01
N CYS A 184 1.17 -8.41 -5.85
CA CYS A 184 1.33 -8.50 -7.29
C CYS A 184 0.67 -7.28 -7.93
N LYS A 185 0.56 -7.29 -9.26
CA LYS A 185 0.08 -6.14 -10.01
C LYS A 185 -1.28 -5.69 -9.51
N GLY A 186 -1.37 -4.43 -9.12
CA GLY A 186 -2.61 -3.88 -8.60
C GLY A 186 -2.63 -3.74 -7.10
N ASP A 187 -1.64 -4.30 -6.40
CA ASP A 187 -1.54 -4.13 -4.96
C ASP A 187 -0.70 -2.93 -4.55
N SER A 188 0.10 -2.37 -5.46
CA SER A 188 1.03 -1.35 -5.03
C SER A 188 0.28 -0.12 -4.50
N GLY A 189 0.94 0.60 -3.60
CA GLY A 189 0.34 1.70 -2.90
C GLY A 189 -0.42 1.31 -1.65
N GLY A 190 -0.88 0.06 -1.55
CA GLY A 190 -1.57 -0.39 -0.37
C GLY A 190 -0.64 -0.65 0.79
N PRO A 191 -1.23 -1.02 1.91
CA PRO A 191 -0.47 -1.18 3.16
C PRO A 191 0.19 -2.54 3.33
N LEU A 192 1.35 -2.50 3.97
CA LEU A 192 1.88 -3.62 4.72
C LEU A 192 1.61 -3.28 6.18
N SER A 193 0.62 -3.96 6.77
CA SER A 193 0.10 -3.61 8.08
C SER A 193 0.60 -4.64 9.09
N CYS A 194 1.18 -4.17 10.18
CA CYS A 194 1.69 -5.06 11.21
C CYS A 194 1.03 -4.75 12.55
N LYS A 195 0.62 -5.78 13.26
CA LYS A 195 -0.04 -5.63 14.55
C LYS A 195 0.97 -5.85 15.66
N HIS A 196 1.05 -4.88 16.58
CA HIS A 196 1.97 -4.97 17.69
C HIS A 196 1.24 -4.47 18.93
N ASN A 197 1.24 -5.27 20.00
CA ASN A 197 0.48 -4.94 21.20
C ASN A 197 -0.98 -4.65 20.86
N GLU A 198 -1.51 -5.41 19.89
CA GLU A 198 -2.90 -5.36 19.45
C GLU A 198 -3.26 -4.04 18.76
N VAL A 199 -2.28 -3.27 18.32
CA VAL A 199 -2.50 -2.04 17.55
C VAL A 199 -1.86 -2.21 16.18
N TRP A 200 -2.58 -1.85 15.12
CA TRP A 200 -2.06 -1.94 13.77
C TRP A 200 -1.22 -0.72 13.44
N HIS A 201 -0.09 -0.95 12.77
CA HIS A 201 0.77 0.13 12.32
C HIS A 201 1.06 -0.05 10.84
N LEU A 202 1.16 1.07 10.13
CA LEU A 202 1.45 1.09 8.71
C LEU A 202 2.96 1.02 8.57
N VAL A 203 3.47 -0.20 8.41
CA VAL A 203 4.91 -0.41 8.40
C VAL A 203 5.49 -0.24 7.01
N GLY A 204 4.75 -0.67 5.98
CA GLY A 204 5.25 -0.58 4.61
C GLY A 204 4.18 -0.08 3.66
N ILE A 205 4.65 0.43 2.53
CA ILE A 205 3.81 0.70 1.34
C ILE A 205 4.27 -0.24 0.25
N THR A 206 3.35 -1.05 -0.26
CA THR A 206 3.64 -2.00 -1.32
C THR A 206 4.23 -1.30 -2.53
N SER A 207 5.44 -1.72 -2.95
CA SER A 207 6.18 -0.95 -3.94
C SER A 207 6.61 -1.76 -5.17
N TRP A 208 7.44 -2.81 -5.02
CA TRP A 208 7.96 -3.49 -6.22
C TRP A 208 8.53 -4.85 -5.84
N GLY A 209 8.81 -5.64 -6.86
CA GLY A 209 9.47 -6.92 -6.66
C GLY A 209 9.73 -7.56 -8.01
N GLU A 210 10.60 -8.56 -7.99
CA GLU A 210 10.95 -9.27 -9.22
C GLU A 210 9.95 -10.41 -9.39
N GLY A 211 9.00 -10.23 -10.32
CA GLY A 211 7.90 -11.18 -10.43
C GLY A 211 6.98 -11.06 -9.23
N CYS A 212 6.13 -12.08 -9.06
CA CYS A 212 5.20 -12.12 -7.93
C CYS A 212 5.35 -13.45 -7.21
N ALA A 213 5.71 -13.39 -5.93
CA ALA A 213 5.76 -14.56 -5.05
C ALA A 213 6.77 -15.59 -5.53
N GLN A 214 7.82 -15.15 -6.21
CA GLN A 214 8.87 -16.06 -6.63
C GLN A 214 9.73 -16.46 -5.44
N ARG A 215 10.28 -17.67 -5.51
CA ARG A 215 11.21 -18.12 -4.48
C ARG A 215 12.40 -17.15 -4.40
N GLU A 216 12.83 -16.85 -3.17
CA GLU A 216 14.00 -16.03 -2.90
C GLU A 216 13.92 -14.63 -3.50
N ARG A 217 12.72 -14.10 -3.77
CA ARG A 217 12.56 -12.76 -4.31
C ARG A 217 11.47 -12.05 -3.50
N PRO A 218 11.84 -11.47 -2.37
CA PRO A 218 10.81 -10.85 -1.52
C PRO A 218 10.21 -9.62 -2.16
N GLY A 219 8.98 -9.32 -1.77
CA GLY A 219 8.41 -8.04 -2.10
C GLY A 219 9.14 -6.92 -1.37
N VAL A 220 9.20 -5.76 -2.01
CA VAL A 220 9.91 -4.61 -1.46
C VAL A 220 8.89 -3.51 -1.20
N TYR A 221 8.99 -2.90 -0.03
CA TYR A 221 8.01 -1.96 0.46
C TYR A 221 8.73 -0.70 0.91
N THR A 222 8.05 0.44 0.76
CA THR A 222 8.58 1.67 1.34
C THR A 222 8.53 1.55 2.85
N ASN A 223 9.66 1.84 3.52
CA ASN A 223 9.76 1.68 4.97
C ASN A 223 9.19 2.94 5.62
N VAL A 224 7.92 2.87 6.02
CA VAL A 224 7.18 4.08 6.40
C VAL A 224 7.83 4.80 7.59
N VAL A 225 8.43 4.07 8.54
CA VAL A 225 8.98 4.73 9.72
C VAL A 225 10.05 5.74 9.33
N GLU A 226 10.72 5.51 8.20
CA GLU A 226 11.78 6.41 7.77
C GLU A 226 11.24 7.64 7.07
N TYR A 227 9.92 7.73 6.88
CA TYR A 227 9.27 8.87 6.26
C TYR A 227 8.31 9.57 7.20
N VAL A 228 8.29 9.21 8.48
CA VAL A 228 7.35 9.83 9.40
C VAL A 228 7.55 11.34 9.46
N ASP A 229 8.81 11.80 9.56
CA ASP A 229 9.05 13.24 9.56
C ASP A 229 8.52 13.91 8.30
N TRP A 230 8.72 13.28 7.15
CA TRP A 230 8.22 13.81 5.88
C TRP A 230 6.70 13.86 5.89
N ILE A 231 6.06 12.78 6.36
CA ILE A 231 4.59 12.76 6.41
C ILE A 231 4.07 13.85 7.32
N LEU A 232 4.64 13.96 8.53
CA LEU A 232 4.16 14.96 9.48
C LEU A 232 4.35 16.38 8.94
N GLU A 233 5.46 16.63 8.23
CA GLU A 233 5.69 17.96 7.69
C GLU A 233 4.65 18.30 6.64
N LYS A 234 4.27 17.32 5.82
CA LYS A 234 3.31 17.58 4.76
C LYS A 234 1.88 17.68 5.30
N THR A 235 1.53 16.84 6.27
CA THR A 235 0.17 16.86 6.80
C THR A 235 -0.05 17.95 7.84
N GLN A 236 1.00 18.68 8.22
CA GLN A 236 0.85 19.85 9.08
C GLN A 236 1.14 21.13 8.30
C1 CIT B . -6.82 -10.51 9.62
O1 CIT B . -7.69 -9.63 9.79
O2 CIT B . -7.04 -11.46 8.85
C2 CIT B . -5.48 -10.43 10.31
C3 CIT B . -5.56 -11.01 11.72
O7 CIT B . -5.64 -12.46 11.62
C4 CIT B . -4.31 -10.59 12.48
C5 CIT B . -4.14 -11.50 13.66
O3 CIT B . -3.08 -11.46 14.28
O4 CIT B . -5.05 -12.30 14.01
C6 CIT B . -6.76 -10.49 12.48
O5 CIT B . -6.63 -9.52 13.28
O6 CIT B . -7.88 -11.01 12.35
C19 OT7 C . 4.69 -3.88 -9.00
C30 OT7 C . 5.81 -7.69 -6.71
C29 OT7 C . 5.97 -7.35 -5.36
C18 OT7 C . 4.00 -2.93 -9.74
C5 OT7 C . -2.45 -4.06 -13.83
C4 OT7 C . -3.82 -3.87 -13.98
C8 OT7 C . 0.53 -3.22 -13.05
C11 OT7 C . -0.34 -2.23 -11.28
C21 OT7 C . 2.70 -4.28 -7.77
C33 OT7 C . 6.10 -7.52 -9.74
C20 OT7 C . 4.04 -4.58 -7.98
C7 OT7 C . -0.69 -2.86 -12.44
C24 OT7 C . 4.69 -5.56 -7.12
C31 OT7 C . 5.17 -6.80 -7.58
C25 OT7 C . 4.86 -5.25 -5.78
C27 OT7 C . 5.51 -6.12 -4.90
C6 OT7 C . -2.05 -3.08 -12.94
C17 OT7 C . 2.66 -2.68 -9.47
C15 OT7 C . 0.76 1.26 -10.74
C16 OT7 C . 1.97 1.91 -11.35
C14 OT7 C . 1.77 0.42 -11.49
C1 OT7 C . -3.26 -1.25 -11.75
C13 OT7 C . 2.63 -0.51 -10.72
C12 OT7 C . 1.83 -1.67 -10.19
N3 OT7 C . -4.29 -2.84 -13.26
N9 OT7 C . 1.60 -2.85 -12.32
N34 OT7 C . 5.60 -7.75 -10.93
N35 OT7 C . 4.25 -7.53 -10.82
N36 OT7 C . 3.93 -7.17 -9.58
N10 OT7 C . 1.02 -2.26 -11.25
N32 OT7 C . 5.08 -7.16 -8.92
N2 OT7 C . -3.18 -2.39 -12.65
N22 OT7 C . 2.04 -3.37 -8.49
O23 OT7 C . 0.83 -3.15 -8.23
F26 OT7 C . 4.41 -4.06 -5.34
CL28 OT7 C . 5.72 -5.72 -3.23
#